data_4X4L
#
_entry.id   4X4L
#
_cell.length_a   108.890
_cell.length_b   108.890
_cell.length_c   83.009
_cell.angle_alpha   90.00
_cell.angle_beta   90.00
_cell.angle_gamma   90.00
#
_symmetry.space_group_name_H-M   'P 4 2 2'
#
loop_
_entity.id
_entity.type
_entity.pdbx_description
1 polymer 'Retinal dehydrogenase 1'
2 non-polymer 'YTTERBIUM (III) ION'
3 non-polymer 'ethyl ({4-oxo-3-[3-(pyrrolidin-1-yl)propyl]-3,4-dihydro[1]benzothieno[3,2-d]pyrimidin-2-yl}sulfanyl)acetate'
4 non-polymer 'CHLORIDE ION'
5 non-polymer '1,4-DIHYDRONICOTINAMIDE ADENINE DINUCLEOTIDE'
6 non-polymer 'SODIUM ION'
7 water water
#
_entity_poly.entity_id   1
_entity_poly.type   'polypeptide(L)'
_entity_poly.pdbx_seq_one_letter_code
;MSSSGTPDLPVLLTDLKIQYTKIFINNEWHDSVSGKKFPVFNPATEEELCQVEEGDKEDVDKAVKAARQAFQIGSPWRTM
DASERGRLLYKLADLIERDRLLLATMESMNGGKLYSNAYLSDLAGCIKTLRYCAGWADKIQGRTIPIDGNFFTYTRHEPI
GVCGQIIPWNFPLVMLIWKIGPALSCGNTVVVKPAEQTPLTALHVASLIKEAGFPPGVVNIVPGYGPTAGAAISSHMDID
KVAFTGSTEVGKLIKEAAGKSNLKRVTLELGGKSPCIVLADADLDNAVEFAHHGVFYHQGQCCIAASRIFVEESIYDEFV
RRSVERAKKYILGNPLTPGVTQGPQIDKEQYDKILDLIESGKKEGAKLECGGGPWGNKGYFVQPTVFSNVTDEMRIAKEE
IFGPVQQIMKFKSLDDVIKRANNTFYGLSAGVFTKDIDKAITISSALQAGTVWVNCYGVVSAQCPFGGFKMSGNGRELGE
YGFHEYTEVKTVTVKISQKNS
;
_entity_poly.pdbx_strand_id   A
#
loop_
_chem_comp.id
_chem_comp.type
_chem_comp.name
_chem_comp.formula
3XG non-polymer 'ethyl ({4-oxo-3-[3-(pyrrolidin-1-yl)propyl]-3,4-dihydro[1]benzothieno[3,2-d]pyrimidin-2-yl}sulfanyl)acetate' 'C21 H25 N3 O3 S2'
CL non-polymer 'CHLORIDE ION' 'Cl -1'
NA non-polymer 'SODIUM ION' 'Na 1'
NAI non-polymer '1,4-DIHYDRONICOTINAMIDE ADENINE DINUCLEOTIDE' 'C21 H29 N7 O14 P2'
YB non-polymer 'YTTERBIUM (III) ION' 'Yb 3'
#
# COMPACT_ATOMS: atom_id res chain seq x y z
N LEU A 9 18.21 17.09 5.75
CA LEU A 9 16.86 16.75 6.30
C LEU A 9 16.26 18.01 6.95
N PRO A 10 15.54 18.81 6.16
CA PRO A 10 14.91 20.02 6.68
C PRO A 10 13.68 19.71 7.52
N VAL A 11 13.33 20.62 8.42
CA VAL A 11 12.15 20.43 9.26
C VAL A 11 11.25 21.65 9.22
N LEU A 12 10.00 21.46 9.61
CA LEU A 12 9.05 22.54 9.80
C LEU A 12 9.58 23.43 10.92
N LEU A 13 9.87 24.70 10.59
CA LEU A 13 10.39 25.61 11.60
C LEU A 13 9.24 26.37 12.31
N THR A 14 8.09 25.70 12.39
CA THR A 14 6.86 26.25 12.97
C THR A 14 5.96 25.06 13.36
N ASP A 15 5.28 25.13 14.51
CA ASP A 15 4.49 23.98 14.98
C ASP A 15 3.31 23.66 14.03
N LEU A 16 3.05 22.37 13.86
CA LEU A 16 1.97 21.92 12.97
C LEU A 16 0.63 22.33 13.54
N LYS A 17 -0.23 22.85 12.70
CA LYS A 17 -1.59 23.20 13.09
C LYS A 17 -2.53 22.42 12.20
N ILE A 18 -3.42 21.65 12.80
CA ILE A 18 -4.37 20.86 12.04
C ILE A 18 -5.54 21.74 11.57
N GLN A 19 -5.77 21.76 10.26
CA GLN A 19 -6.80 22.59 9.66
C GLN A 19 -7.95 21.79 9.04
N TYR A 20 -7.60 20.74 8.31
CA TYR A 20 -8.55 20.01 7.48
C TYR A 20 -9.03 18.74 8.18
N THR A 21 -10.26 18.79 8.69
CA THR A 21 -10.81 17.70 9.50
C THR A 21 -12.18 17.24 9.04
N LYS A 22 -12.65 17.73 7.89
CA LYS A 22 -14.01 17.44 7.43
C LYS A 22 -14.07 16.48 6.24
N ILE A 23 -15.30 16.09 5.90
CA ILE A 23 -15.55 15.24 4.73
C ILE A 23 -15.46 16.11 3.47
N PHE A 24 -14.77 15.60 2.44
CA PHE A 24 -14.51 16.31 1.17
C PHE A 24 -15.36 15.73 0.05
N ILE A 25 -16.40 16.46 -0.37
CA ILE A 25 -17.29 16.03 -1.46
C ILE A 25 -17.60 17.23 -2.36
N ASN A 26 -17.47 17.06 -3.68
CA ASN A 26 -17.62 18.16 -4.64
C ASN A 26 -16.74 19.39 -4.33
N ASN A 27 -15.50 19.14 -3.87
CA ASN A 27 -14.55 20.23 -3.50
C ASN A 27 -14.98 21.20 -2.39
N GLU A 28 -15.78 20.72 -1.47
CA GLU A 28 -16.14 21.53 -0.31
C GLU A 28 -16.12 20.64 0.92
N TRP A 29 -16.03 21.29 2.07
CA TRP A 29 -15.92 20.59 3.34
C TRP A 29 -17.30 20.38 3.95
N HIS A 30 -17.61 19.14 4.31
CA HIS A 30 -18.91 18.75 4.82
C HIS A 30 -18.82 18.19 6.23
N ASP A 31 -19.80 18.55 7.05
CA ASP A 31 -20.06 17.83 8.29
C ASP A 31 -20.61 16.45 7.98
N SER A 32 -20.41 15.51 8.87
CA SER A 32 -21.06 14.22 8.76
C SER A 32 -22.57 14.42 8.83
N VAL A 33 -23.31 13.60 8.11
CA VAL A 33 -24.77 13.66 8.12
C VAL A 33 -25.29 13.47 9.56
N SER A 34 -24.74 12.49 10.27
CA SER A 34 -25.12 12.22 11.66
C SER A 34 -24.69 13.33 12.64
N GLY A 35 -23.66 14.09 12.27
CA GLY A 35 -23.10 15.12 13.14
C GLY A 35 -22.00 14.56 14.02
N LYS A 36 -21.78 13.26 13.94
CA LYS A 36 -20.76 12.59 14.73
C LYS A 36 -19.34 12.88 14.24
N LYS A 37 -18.41 12.84 15.19
CA LYS A 37 -16.98 12.96 14.94
C LYS A 37 -16.29 11.83 15.68
N PHE A 38 -15.09 11.48 15.25
CA PHE A 38 -14.27 10.46 15.93
C PHE A 38 -12.88 11.03 16.19
N PRO A 39 -12.19 10.53 17.22
CA PRO A 39 -10.87 11.07 17.57
C PRO A 39 -9.73 10.46 16.74
N VAL A 40 -8.64 11.21 16.64
CA VAL A 40 -7.44 10.74 15.96
C VAL A 40 -6.27 10.91 16.91
N PHE A 41 -5.42 9.89 17.00
CA PHE A 41 -4.38 9.84 18.05
C PHE A 41 -2.97 9.86 17.50
N ASN A 42 -2.01 10.31 18.31
CA ASN A 42 -0.59 10.15 18.01
C ASN A 42 -0.11 8.81 18.62
N PRO A 43 0.25 7.82 17.79
CA PRO A 43 0.59 6.49 18.35
C PRO A 43 1.79 6.47 19.31
N ALA A 44 2.65 7.48 19.21
CA ALA A 44 3.85 7.58 20.03
C ALA A 44 3.53 8.08 21.43
N THR A 45 2.45 8.84 21.57
CA THR A 45 2.06 9.37 22.88
C THR A 45 0.69 8.93 23.39
N GLU A 46 -0.15 8.36 22.51
CA GLU A 46 -1.49 7.89 22.87
C GLU A 46 -2.42 9.06 23.19
N GLU A 47 -2.02 10.25 22.76
CA GLU A 47 -2.78 11.47 22.97
C GLU A 47 -3.60 11.81 21.71
N GLU A 48 -4.80 12.33 21.92
CA GLU A 48 -5.66 12.78 20.85
C GLU A 48 -5.03 14.02 20.22
N LEU A 49 -4.94 14.02 18.88
CA LEU A 49 -4.47 15.17 18.11
C LEU A 49 -5.62 16.09 17.72
N CYS A 50 -6.76 15.50 17.38
CA CYS A 50 -7.94 16.24 16.97
C CYS A 50 -9.13 15.30 16.82
N GLN A 51 -10.25 15.90 16.45
CA GLN A 51 -11.48 15.20 16.07
C GLN A 51 -11.68 15.39 14.57
N VAL A 52 -12.25 14.39 13.91
CA VAL A 52 -12.50 14.41 12.47
C VAL A 52 -13.94 13.98 12.23
N GLU A 53 -14.59 14.54 11.21
CA GLU A 53 -15.98 14.19 10.90
C GLU A 53 -16.07 12.71 10.53
N GLU A 54 -16.98 11.99 11.18
CA GLU A 54 -17.13 10.56 10.93
C GLU A 54 -18.09 10.24 9.79
N GLY A 55 -17.53 9.85 8.64
CA GLY A 55 -18.36 9.42 7.50
C GLY A 55 -18.98 8.06 7.75
N ASP A 56 -20.19 7.87 7.25
CA ASP A 56 -20.88 6.59 7.33
C ASP A 56 -21.64 6.40 6.01
N LYS A 57 -22.52 5.42 5.94
CA LYS A 57 -23.27 5.13 4.71
C LYS A 57 -23.82 6.40 4.06
N GLU A 58 -24.45 7.27 4.86
CA GLU A 58 -25.11 8.47 4.33
C GLU A 58 -24.13 9.38 3.57
N ASP A 59 -22.93 9.49 4.13
CA ASP A 59 -21.89 10.34 3.57
C ASP A 59 -21.30 9.70 2.32
N VAL A 60 -21.13 8.37 2.36
CA VAL A 60 -20.69 7.62 1.18
C VAL A 60 -21.69 7.82 0.03
N ASP A 61 -22.99 7.81 0.35
CA ASP A 61 -24.00 8.01 -0.69
C ASP A 61 -23.87 9.40 -1.34
N LYS A 62 -23.51 10.41 -0.55
CA LYS A 62 -23.31 11.77 -1.07
C LYS A 62 -22.09 11.85 -1.96
N ALA A 63 -21.02 11.19 -1.55
CA ALA A 63 -19.80 11.14 -2.34
C ALA A 63 -19.99 10.37 -3.64
N VAL A 64 -20.67 9.23 -3.58
CA VAL A 64 -20.93 8.46 -4.80
C VAL A 64 -21.77 9.25 -5.81
N LYS A 65 -22.81 9.93 -5.34
CA LYS A 65 -23.62 10.80 -6.22
C LYS A 65 -22.77 11.88 -6.90
N ALA A 66 -21.88 12.49 -6.13
CA ALA A 66 -20.94 13.52 -6.62
C ALA A 66 -19.98 12.96 -7.66
N ALA A 67 -19.40 11.80 -7.34
CA ALA A 67 -18.53 11.08 -8.26
C ALA A 67 -19.27 10.65 -9.52
N ARG A 68 -20.49 10.15 -9.36
CA ARG A 68 -21.30 9.77 -10.53
C ARG A 68 -21.57 10.96 -11.44
N GLN A 69 -21.92 12.09 -10.85
CA GLN A 69 -22.22 13.27 -11.62
C GLN A 69 -20.98 13.78 -12.35
N ALA A 70 -19.83 13.75 -11.68
CA ALA A 70 -18.59 14.20 -12.33
C ALA A 70 -18.16 13.30 -13.47
N PHE A 71 -18.64 12.05 -13.47
CA PHE A 71 -18.33 11.10 -14.53
C PHE A 71 -19.30 11.13 -15.72
N GLN A 72 -20.37 11.93 -15.67
CA GLN A 72 -21.37 11.87 -16.73
C GLN A 72 -20.79 12.31 -18.07
N ILE A 73 -21.24 11.65 -19.13
CA ILE A 73 -20.92 12.07 -20.50
C ILE A 73 -21.22 13.58 -20.62
N GLY A 74 -20.28 14.32 -21.19
CA GLY A 74 -20.41 15.77 -21.34
C GLY A 74 -19.86 16.60 -20.20
N SER A 75 -19.48 15.98 -19.08
CA SER A 75 -18.91 16.69 -17.95
C SER A 75 -17.50 17.22 -18.23
N PRO A 76 -17.06 18.24 -17.49
CA PRO A 76 -15.68 18.71 -17.60
C PRO A 76 -14.61 17.59 -17.54
N TRP A 77 -14.72 16.68 -16.57
CA TRP A 77 -13.74 15.59 -16.43
C TRP A 77 -13.78 14.55 -17.55
N ARG A 78 -14.95 14.31 -18.15
CA ARG A 78 -15.01 13.43 -19.30
C ARG A 78 -14.56 14.09 -20.62
N THR A 79 -14.74 15.41 -20.74
CA THR A 79 -14.50 16.07 -22.01
C THR A 79 -13.13 16.74 -22.11
N MET A 80 -12.46 16.99 -20.99
CA MET A 80 -11.16 17.64 -21.07
C MET A 80 -10.12 16.77 -21.75
N ASP A 81 -9.10 17.40 -22.30
CA ASP A 81 -8.06 16.63 -22.97
C ASP A 81 -7.43 15.68 -21.95
N ALA A 82 -7.07 14.47 -22.40
CA ALA A 82 -6.29 13.61 -21.54
C ALA A 82 -5.05 14.30 -21.02
N SER A 83 -4.39 15.08 -21.87
CA SER A 83 -3.17 15.77 -21.44
C SER A 83 -3.46 16.72 -20.29
N GLU A 84 -4.67 17.25 -20.23
CA GLU A 84 -5.06 18.14 -19.13
C GLU A 84 -5.32 17.38 -17.81
N ARG A 85 -5.87 16.17 -17.89
CA ARG A 85 -5.91 15.32 -16.70
C ARG A 85 -4.47 15.16 -16.19
N GLY A 86 -3.56 14.93 -17.12
CA GLY A 86 -2.14 14.78 -16.76
C GLY A 86 -1.54 16.02 -16.16
N ARG A 87 -1.84 17.16 -16.75
CA ARG A 87 -1.42 18.44 -16.18
C ARG A 87 -1.89 18.67 -14.75
N LEU A 88 -3.13 18.29 -14.47
CA LEU A 88 -3.69 18.44 -13.14
C LEU A 88 -2.94 17.57 -12.15
N LEU A 89 -2.61 16.36 -12.55
CA LEU A 89 -1.82 15.50 -11.68
C LEU A 89 -0.40 16.01 -11.45
N TYR A 90 0.21 16.57 -12.49
CA TYR A 90 1.53 17.17 -12.33
C TYR A 90 1.48 18.36 -11.37
N LYS A 91 0.44 19.16 -11.49
CA LYS A 91 0.23 20.28 -10.60
C LYS A 91 0.08 19.83 -9.15
N LEU A 92 -0.71 18.79 -8.94
CA LEU A 92 -0.87 18.22 -7.60
C LEU A 92 0.47 17.75 -7.02
N ALA A 93 1.28 17.08 -7.82
CA ALA A 93 2.63 16.69 -7.37
C ALA A 93 3.45 17.92 -6.92
N ASP A 94 3.40 18.99 -7.71
CA ASP A 94 4.08 20.27 -7.40
C ASP A 94 3.59 20.86 -6.10
N LEU A 95 2.29 20.75 -5.83
CA LEU A 95 1.70 21.24 -4.60
C LEU A 95 2.14 20.42 -3.37
N ILE A 96 2.23 19.12 -3.56
CA ILE A 96 2.69 18.24 -2.48
C ILE A 96 4.17 18.47 -2.20
N GLU A 97 4.95 18.72 -3.26
CA GLU A 97 6.34 19.13 -3.12
C GLU A 97 6.41 20.45 -2.33
N ARG A 98 5.53 21.40 -2.64
CA ARG A 98 5.48 22.66 -1.88
C ARG A 98 5.19 22.41 -0.40
N ASP A 99 4.22 21.55 -0.11
CA ASP A 99 3.83 21.30 1.25
C ASP A 99 4.52 20.06 1.85
N ARG A 100 5.74 19.79 1.41
CA ARG A 100 6.42 18.55 1.79
C ARG A 100 6.78 18.49 3.26
N LEU A 101 7.25 19.62 3.78
CA LEU A 101 7.61 19.67 5.18
C LEU A 101 6.40 19.39 6.07
N LEU A 102 5.32 20.12 5.82
CA LEU A 102 4.04 19.95 6.51
C LEU A 102 3.49 18.53 6.39
N LEU A 103 3.44 18.01 5.16
CA LEU A 103 2.92 16.66 4.98
C LEU A 103 3.75 15.58 5.68
N ALA A 104 5.07 15.65 5.53
CA ALA A 104 5.97 14.69 6.16
C ALA A 104 5.82 14.74 7.68
N THR A 105 5.58 15.94 8.21
CA THR A 105 5.43 16.09 9.65
C THR A 105 4.11 15.48 10.11
N MET A 106 3.02 15.85 9.44
CA MET A 106 1.69 15.32 9.77
C MET A 106 1.67 13.78 9.67
N GLU A 107 2.32 13.25 8.62
CA GLU A 107 2.39 11.81 8.37
C GLU A 107 3.06 11.11 9.56
N SER A 108 4.20 11.65 9.97
CA SER A 108 5.00 11.10 11.07
C SER A 108 4.26 11.18 12.40
N MET A 109 3.68 12.35 12.70
CA MET A 109 2.88 12.54 13.90
C MET A 109 1.62 11.67 14.01
N ASN A 110 0.84 11.57 12.93
CA ASN A 110 -0.39 10.75 12.93
C ASN A 110 -0.08 9.24 12.77
N GLY A 111 0.92 8.90 11.97
CA GLY A 111 1.20 7.51 11.59
C GLY A 111 2.27 6.76 12.37
N GLY A 112 2.92 7.43 13.33
CA GLY A 112 4.01 6.83 14.11
C GLY A 112 5.22 6.54 13.26
N LYS A 113 5.41 7.36 12.23
CA LYS A 113 6.32 7.04 11.14
C LYS A 113 7.56 7.90 11.29
N LEU A 114 8.74 7.29 11.25
CA LEU A 114 9.98 8.05 11.39
C LEU A 114 9.98 9.22 10.40
N TYR A 115 10.26 10.42 10.91
CA TYR A 115 10.19 11.64 10.12
C TYR A 115 11.19 11.64 8.96
N SER A 116 12.41 11.18 9.18
CA SER A 116 13.37 11.15 8.07
C SER A 116 12.90 10.26 6.91
N ASN A 117 12.34 9.10 7.23
CA ASN A 117 11.72 8.25 6.19
C ASN A 117 10.50 8.90 5.56
N ALA A 118 9.63 9.46 6.40
CA ALA A 118 8.46 10.18 5.92
C ALA A 118 8.83 11.24 4.90
N TYR A 119 9.87 12.02 5.20
CA TYR A 119 10.30 13.11 4.34
C TYR A 119 11.04 12.61 3.10
N LEU A 120 12.06 11.78 3.32
CA LEU A 120 12.96 11.35 2.25
C LEU A 120 12.41 10.23 1.36
N SER A 121 11.46 9.46 1.87
CA SER A 121 11.01 8.27 1.17
C SER A 121 9.53 8.36 0.84
N ASP A 122 8.67 8.41 1.85
CA ASP A 122 7.24 8.44 1.60
C ASP A 122 6.85 9.64 0.73
N LEU A 123 7.30 10.82 1.12
CA LEU A 123 6.93 12.04 0.36
C LEU A 123 7.52 12.06 -1.04
N ALA A 124 8.78 11.62 -1.16
CA ALA A 124 9.42 11.43 -2.46
C ALA A 124 8.66 10.45 -3.33
N GLY A 125 8.22 9.35 -2.72
CA GLY A 125 7.45 8.34 -3.44
C GLY A 125 6.12 8.85 -3.97
N CYS A 126 5.42 9.62 -3.13
CA CYS A 126 4.15 10.28 -3.53
C CYS A 126 4.34 11.19 -4.72
N ILE A 127 5.37 12.03 -4.63
CA ILE A 127 5.66 13.00 -5.69
C ILE A 127 6.04 12.31 -6.99
N LYS A 128 6.99 11.38 -6.90
CA LYS A 128 7.42 10.63 -8.07
C LYS A 128 6.29 9.79 -8.66
N THR A 129 5.47 9.16 -7.81
CA THR A 129 4.36 8.34 -8.32
C THR A 129 3.34 9.21 -9.07
N LEU A 130 2.96 10.36 -8.51
CA LEU A 130 2.04 11.27 -9.19
C LEU A 130 2.57 11.72 -10.53
N ARG A 131 3.84 12.09 -10.58
CA ARG A 131 4.45 12.51 -11.84
C ARG A 131 4.50 11.40 -12.88
N TYR A 132 4.83 10.19 -12.44
CA TYR A 132 4.75 9.02 -13.31
C TYR A 132 3.34 8.86 -13.87
N CYS A 133 2.33 8.88 -13.03
CA CYS A 133 0.92 8.72 -13.46
C CYS A 133 0.44 9.84 -14.39
N ALA A 134 0.83 11.07 -14.08
CA ALA A 134 0.55 12.22 -14.97
C ALA A 134 1.00 11.94 -16.41
N GLY A 135 2.19 11.38 -16.57
CA GLY A 135 2.71 11.06 -17.89
C GLY A 135 1.91 10.04 -18.70
N TRP A 136 1.18 9.15 -18.03
CA TRP A 136 0.40 8.13 -18.75
C TRP A 136 -0.89 8.68 -19.35
N ALA A 137 -1.38 9.80 -18.83
CA ALA A 137 -2.79 10.16 -19.07
C ALA A 137 -3.13 10.19 -20.58
N ASP A 138 -2.29 10.81 -21.38
CA ASP A 138 -2.54 10.94 -22.83
C ASP A 138 -1.82 9.88 -23.65
N LYS A 139 -1.40 8.81 -22.97
CA LYS A 139 -0.68 7.69 -23.56
C LYS A 139 -1.44 6.37 -23.35
N ILE A 140 -2.65 6.46 -22.80
CA ILE A 140 -3.59 5.37 -22.70
C ILE A 140 -4.24 5.25 -24.05
N GLN A 141 -4.05 4.12 -24.72
CA GLN A 141 -4.48 3.94 -26.10
C GLN A 141 -5.20 2.64 -26.28
N GLY A 142 -6.24 2.63 -27.12
CA GLY A 142 -6.82 1.38 -27.60
C GLY A 142 -6.16 0.88 -28.85
N ARG A 143 -6.92 0.09 -29.61
CA ARG A 143 -6.40 -0.58 -30.78
C ARG A 143 -7.32 -0.44 -31.96
N THR A 144 -6.75 -0.63 -33.14
CA THR A 144 -7.52 -0.92 -34.33
C THR A 144 -7.14 -2.35 -34.72
N ILE A 145 -8.14 -3.12 -35.14
CA ILE A 145 -8.03 -4.57 -35.15
C ILE A 145 -8.56 -5.11 -36.47
N PRO A 146 -7.74 -5.91 -37.18
CA PRO A 146 -8.08 -6.44 -38.48
C PRO A 146 -9.00 -7.66 -38.38
N ILE A 147 -10.20 -7.43 -37.85
CA ILE A 147 -11.24 -8.45 -37.69
C ILE A 147 -11.56 -9.10 -39.03
N ASP A 148 -12.00 -10.36 -38.99
CA ASP A 148 -12.56 -11.03 -40.15
C ASP A 148 -13.79 -10.24 -40.65
N GLY A 149 -14.06 -10.28 -41.95
CA GLY A 149 -15.18 -9.62 -42.57
C GLY A 149 -14.97 -8.14 -42.89
N ASN A 150 -15.94 -7.54 -43.57
CA ASN A 150 -15.87 -6.15 -43.99
C ASN A 150 -16.38 -5.23 -42.89
N PHE A 151 -15.51 -5.03 -41.90
CA PHE A 151 -15.76 -4.18 -40.75
C PHE A 151 -14.53 -3.37 -40.42
N PHE A 152 -14.77 -2.20 -39.82
CA PHE A 152 -13.76 -1.42 -39.11
C PHE A 152 -13.99 -1.61 -37.63
N THR A 153 -12.96 -2.11 -36.92
CA THR A 153 -13.08 -2.39 -35.50
C THR A 153 -11.96 -1.68 -34.76
N TYR A 154 -12.36 -0.97 -33.70
CA TYR A 154 -11.42 -0.31 -32.82
C TYR A 154 -11.86 -0.49 -31.41
N THR A 155 -10.94 -0.26 -30.47
CA THR A 155 -11.30 -0.32 -29.08
C THR A 155 -11.02 1.01 -28.40
N ARG A 156 -11.83 1.31 -27.39
CA ARG A 156 -11.67 2.45 -26.52
C ARG A 156 -11.32 1.92 -25.15
N HIS A 157 -10.23 2.40 -24.59
CA HIS A 157 -9.90 2.11 -23.21
C HIS A 157 -10.45 3.23 -22.37
N GLU A 158 -11.72 3.10 -22.03
CA GLU A 158 -12.43 4.10 -21.25
C GLU A 158 -12.08 3.97 -19.77
N PRO A 159 -12.23 5.07 -19.03
CA PRO A 159 -12.30 4.91 -17.60
C PRO A 159 -13.52 4.04 -17.20
N ILE A 160 -13.42 3.38 -16.06
CA ILE A 160 -14.49 2.50 -15.58
C ILE A 160 -15.66 3.31 -15.05
N GLY A 161 -15.36 4.28 -14.20
CA GLY A 161 -16.40 5.10 -13.62
C GLY A 161 -16.06 5.45 -12.19
N VAL A 162 -17.01 5.25 -11.30
CA VAL A 162 -16.79 5.61 -9.91
C VAL A 162 -16.02 4.47 -9.22
N CYS A 163 -14.80 4.78 -8.76
CA CYS A 163 -13.97 3.82 -8.07
C CYS A 163 -13.90 4.10 -6.55
N GLY A 164 -14.30 3.10 -5.76
CA GLY A 164 -14.21 3.18 -4.31
C GLY A 164 -12.86 2.67 -3.91
N GLN A 165 -12.13 3.43 -3.10
CA GLN A 165 -10.76 3.09 -2.79
C GLN A 165 -10.53 3.16 -1.28
N ILE A 166 -10.23 2.01 -0.69
CA ILE A 166 -10.08 1.89 0.77
C ILE A 166 -8.61 1.64 1.07
N ILE A 167 -7.99 2.51 1.88
CA ILE A 167 -6.56 2.37 2.08
C ILE A 167 -6.18 2.21 3.56
N PRO A 168 -5.01 1.62 3.81
CA PRO A 168 -4.62 1.33 5.17
C PRO A 168 -3.83 2.48 5.83
N TRP A 169 -3.36 2.22 7.06
CA TRP A 169 -2.75 3.24 7.92
C TRP A 169 -1.22 3.21 7.88
N ASN A 170 -0.62 2.20 7.24
CA ASN A 170 0.83 2.03 7.30
C ASN A 170 1.62 2.99 6.41
N PHE A 171 1.06 3.27 5.23
CA PHE A 171 1.61 4.24 4.30
C PHE A 171 0.46 5.12 3.78
N PRO A 172 -0.10 6.00 4.64
CA PRO A 172 -1.34 6.74 4.30
C PRO A 172 -1.22 7.54 3.00
N LEU A 173 -0.14 8.29 2.86
CA LEU A 173 0.04 9.15 1.67
C LEU A 173 0.40 8.35 0.42
N VAL A 174 1.42 7.51 0.54
CA VAL A 174 1.86 6.69 -0.57
C VAL A 174 0.68 5.88 -1.12
N MET A 175 -0.13 5.31 -0.23
CA MET A 175 -1.25 4.49 -0.64
C MET A 175 -2.36 5.34 -1.25
N LEU A 176 -2.59 6.52 -0.69
CA LEU A 176 -3.55 7.45 -1.31
C LEU A 176 -3.16 7.72 -2.76
N ILE A 177 -1.91 8.07 -2.99
CA ILE A 177 -1.42 8.40 -4.32
C ILE A 177 -1.36 7.17 -5.22
N TRP A 178 -1.00 6.03 -4.66
CA TRP A 178 -1.02 4.78 -5.44
C TRP A 178 -2.39 4.45 -5.99
N LYS A 179 -3.42 4.81 -5.24
CA LYS A 179 -4.79 4.62 -5.65
C LYS A 179 -5.25 5.71 -6.62
N ILE A 180 -5.16 6.98 -6.21
CA ILE A 180 -5.78 8.03 -7.00
C ILE A 180 -5.01 8.39 -8.28
N GLY A 181 -3.68 8.19 -8.27
CA GLY A 181 -2.84 8.54 -9.42
C GLY A 181 -3.28 7.83 -10.69
N PRO A 182 -3.29 6.49 -10.65
CA PRO A 182 -3.74 5.74 -11.81
C PRO A 182 -5.20 5.95 -12.15
N ALA A 183 -6.05 5.93 -11.13
CA ALA A 183 -7.50 6.06 -11.34
C ALA A 183 -7.81 7.36 -12.08
N LEU A 184 -7.20 8.44 -11.63
CA LEU A 184 -7.41 9.76 -12.24
C LEU A 184 -6.74 9.91 -13.58
N SER A 185 -5.54 9.35 -13.75
CA SER A 185 -4.83 9.45 -15.01
C SER A 185 -5.71 8.83 -16.11
N CYS A 186 -6.39 7.74 -15.75
CA CYS A 186 -7.26 7.02 -16.65
C CYS A 186 -8.63 7.66 -16.84
N GLY A 187 -8.97 8.64 -16.01
CA GLY A 187 -10.20 9.38 -16.20
C GLY A 187 -11.35 8.99 -15.32
N ASN A 188 -11.08 8.17 -14.30
CA ASN A 188 -12.09 7.76 -13.33
C ASN A 188 -12.36 8.88 -12.34
N THR A 189 -13.46 8.72 -11.60
CA THR A 189 -13.70 9.48 -10.39
C THR A 189 -13.66 8.56 -9.18
N VAL A 190 -13.34 9.12 -8.01
CA VAL A 190 -13.03 8.28 -6.85
C VAL A 190 -13.72 8.74 -5.57
N VAL A 191 -14.04 7.75 -4.73
CA VAL A 191 -14.50 7.93 -3.36
C VAL A 191 -13.49 7.18 -2.53
N VAL A 192 -12.72 7.92 -1.75
CA VAL A 192 -11.60 7.38 -0.99
C VAL A 192 -11.97 7.24 0.48
N LYS A 193 -11.65 6.10 1.11
CA LYS A 193 -11.83 6.00 2.56
C LYS A 193 -10.51 5.71 3.21
N PRO A 194 -9.87 6.75 3.76
CA PRO A 194 -8.62 6.51 4.47
C PRO A 194 -8.87 5.72 5.74
N ALA A 195 -7.80 5.16 6.29
CA ALA A 195 -7.89 4.38 7.52
C ALA A 195 -8.36 5.29 8.63
N GLU A 196 -9.21 4.76 9.53
CA GLU A 196 -9.68 5.54 10.68
C GLU A 196 -8.51 6.07 11.51
N GLN A 197 -7.42 5.31 11.58
CA GLN A 197 -6.22 5.71 12.32
C GLN A 197 -5.54 6.95 11.73
N THR A 198 -5.60 7.10 10.40
CA THR A 198 -4.77 8.07 9.66
C THR A 198 -5.53 8.80 8.54
N PRO A 199 -6.53 9.62 8.90
CA PRO A 199 -7.23 10.42 7.89
C PRO A 199 -6.59 11.75 7.52
N LEU A 200 -5.65 12.25 8.32
CA LEU A 200 -5.29 13.68 8.26
C LEU A 200 -4.52 14.08 7.01
N THR A 201 -3.52 13.29 6.62
CA THR A 201 -2.75 13.64 5.42
C THR A 201 -3.63 13.61 4.16
N ALA A 202 -4.57 12.68 4.11
CA ALA A 202 -5.49 12.58 2.95
C ALA A 202 -6.36 13.84 2.81
N LEU A 203 -6.79 14.39 3.95
CA LEU A 203 -7.60 15.58 3.95
C LEU A 203 -6.78 16.80 3.57
N HIS A 204 -5.51 16.86 3.93
CA HIS A 204 -4.68 17.96 3.45
C HIS A 204 -4.53 17.87 1.93
N VAL A 205 -4.20 16.67 1.43
CA VAL A 205 -4.10 16.47 -0.01
C VAL A 205 -5.40 16.90 -0.71
N ALA A 206 -6.55 16.62 -0.11
CA ALA A 206 -7.83 17.05 -0.71
C ALA A 206 -7.87 18.58 -0.89
N SER A 207 -7.34 19.34 0.07
CA SER A 207 -7.27 20.80 -0.09
C SER A 207 -6.42 21.15 -1.30
N LEU A 208 -5.37 20.39 -1.56
CA LEU A 208 -4.48 20.62 -2.70
C LEU A 208 -5.10 20.19 -4.03
N ILE A 209 -6.02 19.22 -3.97
CA ILE A 209 -6.80 18.80 -5.15
C ILE A 209 -7.74 19.94 -5.58
N LYS A 210 -8.45 20.51 -4.62
CA LYS A 210 -9.22 21.73 -4.85
C LYS A 210 -8.37 22.87 -5.42
N GLU A 211 -7.21 23.12 -4.83
CA GLU A 211 -6.29 24.21 -5.26
C GLU A 211 -5.73 24.01 -6.67
N ALA A 212 -5.45 22.75 -7.05
CA ALA A 212 -4.90 22.41 -8.36
C ALA A 212 -5.90 22.61 -9.49
N GLY A 213 -7.17 22.56 -9.14
CA GLY A 213 -8.25 22.85 -10.08
C GLY A 213 -8.96 21.62 -10.63
N PHE A 214 -8.87 20.47 -9.95
CA PHE A 214 -9.64 19.29 -10.36
C PHE A 214 -11.12 19.65 -10.30
N PRO A 215 -11.91 19.22 -11.30
CA PRO A 215 -13.35 19.48 -11.22
C PRO A 215 -13.98 18.86 -9.99
N PRO A 216 -14.99 19.54 -9.41
CA PRO A 216 -15.64 18.96 -8.24
C PRO A 216 -16.25 17.58 -8.51
N GLY A 217 -16.13 16.71 -7.51
CA GLY A 217 -16.69 15.39 -7.57
C GLY A 217 -15.72 14.38 -8.15
N VAL A 218 -14.60 14.84 -8.71
CA VAL A 218 -13.59 13.93 -9.30
C VAL A 218 -12.88 13.16 -8.20
N VAL A 219 -12.54 13.84 -7.10
CA VAL A 219 -12.07 13.18 -5.90
C VAL A 219 -12.87 13.56 -4.67
N ASN A 220 -13.34 12.54 -3.96
CA ASN A 220 -14.08 12.74 -2.74
C ASN A 220 -13.43 11.90 -1.65
N ILE A 221 -13.28 12.47 -0.48
CA ILE A 221 -12.60 11.77 0.60
C ILE A 221 -13.51 11.71 1.81
N VAL A 222 -13.81 10.48 2.25
CA VAL A 222 -14.78 10.20 3.29
C VAL A 222 -14.09 9.48 4.45
N PRO A 223 -13.56 10.24 5.42
CA PRO A 223 -12.98 9.55 6.60
C PRO A 223 -14.05 8.81 7.37
N GLY A 224 -13.64 7.78 8.09
CA GLY A 224 -14.61 6.95 8.79
C GLY A 224 -14.07 5.57 9.03
N TYR A 225 -14.92 4.71 9.58
CA TYR A 225 -14.52 3.38 10.00
C TYR A 225 -14.76 2.32 8.91
N GLY A 226 -14.21 1.12 9.14
CA GLY A 226 -14.25 0.04 8.17
C GLY A 226 -15.63 -0.55 7.97
N PRO A 227 -16.24 -1.09 9.04
CA PRO A 227 -17.57 -1.73 8.95
C PRO A 227 -18.70 -0.76 8.62
N THR A 228 -18.41 0.54 8.67
CA THR A 228 -19.40 1.57 8.43
C THR A 228 -19.21 2.16 7.04
N ALA A 229 -18.21 3.03 6.89
CA ALA A 229 -17.94 3.70 5.62
C ALA A 229 -17.33 2.72 4.61
N GLY A 230 -16.40 1.89 5.07
CA GLY A 230 -15.82 0.88 4.19
C GLY A 230 -16.85 -0.07 3.61
N ALA A 231 -17.73 -0.56 4.46
CA ALA A 231 -18.74 -1.55 4.05
C ALA A 231 -19.74 -0.95 3.08
N ALA A 232 -20.05 0.33 3.28
CA ALA A 232 -20.97 1.04 2.42
C ALA A 232 -20.39 1.16 1.02
N ILE A 233 -19.07 1.31 0.92
CA ILE A 233 -18.39 1.37 -0.38
C ILE A 233 -18.48 0.01 -1.05
N SER A 234 -18.09 -1.04 -0.32
CA SER A 234 -17.99 -2.36 -0.91
C SER A 234 -19.36 -2.87 -1.38
N SER A 235 -20.44 -2.43 -0.74
CA SER A 235 -21.79 -2.91 -1.05
C SER A 235 -22.63 -1.93 -1.90
N HIS A 236 -22.04 -0.82 -2.33
CA HIS A 236 -22.79 0.21 -3.03
C HIS A 236 -23.19 -0.21 -4.45
N MET A 237 -24.45 0.05 -4.79
CA MET A 237 -24.99 -0.34 -6.11
C MET A 237 -24.59 0.56 -7.28
N ASP A 238 -23.91 1.66 -7.00
CA ASP A 238 -23.47 2.57 -8.05
C ASP A 238 -21.98 2.88 -8.05
N ILE A 239 -21.21 2.06 -7.34
CA ILE A 239 -19.75 2.06 -7.42
C ILE A 239 -19.33 0.96 -8.39
N ASP A 240 -18.55 1.32 -9.39
CA ASP A 240 -18.22 0.40 -10.46
C ASP A 240 -17.06 -0.50 -10.11
N LYS A 241 -16.18 -0.02 -9.22
CA LYS A 241 -14.98 -0.76 -8.87
C LYS A 241 -14.54 -0.38 -7.46
N VAL A 242 -13.98 -1.36 -6.76
CA VAL A 242 -13.42 -1.10 -5.45
C VAL A 242 -11.96 -1.59 -5.42
N ALA A 243 -11.08 -0.75 -4.89
CA ALA A 243 -9.68 -1.11 -4.71
C ALA A 243 -9.34 -1.03 -3.23
N PHE A 244 -8.54 -1.98 -2.76
CA PHE A 244 -8.29 -2.13 -1.32
C PHE A 244 -6.92 -2.70 -1.04
N THR A 245 -6.27 -2.10 -0.05
CA THR A 245 -5.05 -2.64 0.55
C THR A 245 -5.32 -2.77 2.05
N GLY A 246 -5.02 -3.94 2.61
CA GLY A 246 -5.26 -4.19 4.03
C GLY A 246 -5.23 -5.67 4.37
N SER A 247 -6.08 -6.07 5.31
CA SER A 247 -6.05 -7.43 5.87
C SER A 247 -6.77 -8.43 4.98
N THR A 248 -6.38 -9.69 5.07
CA THR A 248 -7.02 -10.76 4.31
C THR A 248 -8.49 -10.89 4.67
N GLU A 249 -8.80 -10.77 5.96
CA GLU A 249 -10.16 -10.91 6.45
C GLU A 249 -11.08 -9.93 5.73
N VAL A 250 -10.67 -8.67 5.68
CA VAL A 250 -11.45 -7.62 5.06
C VAL A 250 -11.52 -7.81 3.54
N GLY A 251 -10.41 -8.25 2.94
CA GLY A 251 -10.38 -8.56 1.52
C GLY A 251 -11.48 -9.52 1.15
N LYS A 252 -11.61 -10.60 1.93
CA LYS A 252 -12.71 -11.55 1.76
C LYS A 252 -14.09 -10.90 1.85
N LEU A 253 -14.30 -10.09 2.87
CA LEU A 253 -15.56 -9.40 3.05
C LEU A 253 -15.86 -8.49 1.87
N ILE A 254 -14.83 -7.84 1.36
CA ILE A 254 -15.03 -6.91 0.24
C ILE A 254 -15.45 -7.69 -1.00
N LYS A 255 -14.75 -8.78 -1.30
CA LYS A 255 -15.05 -9.57 -2.50
C LYS A 255 -16.48 -10.12 -2.42
N GLU A 256 -16.88 -10.54 -1.22
CA GLU A 256 -18.20 -11.11 -0.98
C GLU A 256 -19.29 -10.05 -1.12
N ALA A 257 -19.04 -8.87 -0.54
CA ALA A 257 -19.99 -7.77 -0.61
C ALA A 257 -20.15 -7.24 -2.03
N ALA A 258 -19.08 -7.29 -2.81
CA ALA A 258 -19.11 -6.90 -4.21
C ALA A 258 -19.92 -7.90 -5.02
N GLY A 259 -19.78 -9.18 -4.71
CA GLY A 259 -20.57 -10.23 -5.37
C GLY A 259 -22.06 -10.16 -5.06
N LYS A 260 -22.41 -9.87 -3.81
CA LYS A 260 -23.81 -9.78 -3.39
C LYS A 260 -24.54 -8.57 -3.97
N SER A 261 -23.80 -7.47 -4.18
CA SER A 261 -24.43 -6.20 -4.57
C SER A 261 -24.53 -6.06 -6.08
N ASN A 262 -23.49 -5.50 -6.71
CA ASN A 262 -23.56 -5.12 -8.14
C ASN A 262 -22.39 -5.66 -8.97
N LEU A 263 -21.73 -6.70 -8.45
CA LEU A 263 -20.63 -7.37 -9.17
C LEU A 263 -19.55 -6.40 -9.64
N LYS A 264 -19.35 -5.36 -8.85
CA LYS A 264 -18.31 -4.38 -9.09
C LYS A 264 -16.92 -5.05 -9.22
N ARG A 265 -16.06 -4.43 -10.00
CA ARG A 265 -14.71 -4.91 -10.18
C ARG A 265 -13.97 -4.79 -8.84
N VAL A 266 -13.13 -5.77 -8.51
CA VAL A 266 -12.45 -5.74 -7.23
C VAL A 266 -10.97 -5.97 -7.45
N THR A 267 -10.13 -5.15 -6.83
CA THR A 267 -8.71 -5.45 -6.75
C THR A 267 -8.26 -5.30 -5.31
N LEU A 268 -7.41 -6.23 -4.89
CA LEU A 268 -6.97 -6.34 -3.51
C LEU A 268 -5.46 -6.50 -3.42
N GLU A 269 -4.87 -5.85 -2.43
CA GLU A 269 -3.54 -6.19 -1.97
C GLU A 269 -3.59 -6.43 -0.44
N LEU A 270 -3.07 -7.58 -0.01
CA LEU A 270 -3.48 -8.15 1.28
C LEU A 270 -2.32 -8.63 2.13
N GLY A 271 -1.15 -8.08 1.91
CA GLY A 271 0.02 -8.47 2.71
C GLY A 271 0.55 -9.86 2.39
N GLY A 272 1.41 -10.35 3.26
CA GLY A 272 2.17 -11.53 2.93
C GLY A 272 2.90 -12.20 4.07
N LYS A 273 3.63 -13.22 3.69
CA LYS A 273 4.60 -13.85 4.56
C LYS A 273 5.81 -14.12 3.68
N SER A 274 6.43 -13.03 3.26
CA SER A 274 7.39 -13.10 2.16
C SER A 274 8.74 -13.71 2.58
N PRO A 275 9.22 -14.68 1.81
CA PRO A 275 10.47 -15.37 2.06
C PRO A 275 11.68 -14.82 1.32
N CYS A 276 12.84 -14.90 1.96
CA CYS A 276 14.12 -14.77 1.30
C CYS A 276 14.87 -16.09 1.33
N ILE A 277 15.60 -16.36 0.27
CA ILE A 277 16.46 -17.54 0.15
C ILE A 277 17.88 -17.03 -0.04
N VAL A 278 18.73 -17.32 0.95
CA VAL A 278 20.10 -16.86 0.90
C VAL A 278 21.02 -18.05 0.64
N LEU A 279 21.60 -18.11 -0.55
CA LEU A 279 22.54 -19.18 -0.91
C LEU A 279 23.91 -18.96 -0.30
N ALA A 280 24.69 -20.04 -0.20
CA ALA A 280 26.01 -19.97 0.41
C ALA A 280 26.99 -19.05 -0.35
N ASP A 281 26.77 -18.87 -1.65
CA ASP A 281 27.67 -18.03 -2.44
C ASP A 281 27.31 -16.54 -2.38
N ALA A 282 26.25 -16.20 -1.65
CA ALA A 282 25.75 -14.83 -1.57
C ALA A 282 26.76 -13.86 -0.99
N ASP A 283 26.73 -12.60 -1.43
CA ASP A 283 27.43 -11.57 -0.68
C ASP A 283 26.69 -11.48 0.65
N LEU A 284 27.35 -11.94 1.73
CA LEU A 284 26.68 -12.14 3.02
C LEU A 284 26.26 -10.84 3.72
N ASP A 285 27.16 -9.87 3.76
CA ASP A 285 26.84 -8.57 4.35
C ASP A 285 25.67 -7.91 3.63
N ASN A 286 25.69 -7.96 2.30
CA ASN A 286 24.60 -7.42 1.51
C ASN A 286 23.27 -8.12 1.77
N ALA A 287 23.27 -9.45 1.81
CA ALA A 287 22.06 -10.20 2.15
C ALA A 287 21.56 -9.89 3.58
N VAL A 288 22.47 -9.81 4.55
CA VAL A 288 22.05 -9.50 5.91
C VAL A 288 21.39 -8.12 6.01
N GLU A 289 21.98 -7.14 5.34
CA GLU A 289 21.50 -5.77 5.40
C GLU A 289 20.11 -5.63 4.80
N PHE A 290 19.93 -6.19 3.62
CA PHE A 290 18.66 -6.08 2.89
C PHE A 290 17.56 -6.91 3.54
N ALA A 291 17.89 -8.10 4.00
CA ALA A 291 16.95 -8.91 4.74
C ALA A 291 16.56 -8.24 6.07
N HIS A 292 17.54 -7.63 6.73
CA HIS A 292 17.26 -6.85 7.94
C HIS A 292 16.29 -5.70 7.66
N HIS A 293 16.67 -4.81 6.76
CA HIS A 293 15.76 -3.70 6.46
C HIS A 293 14.46 -4.23 5.88
N GLY A 294 14.54 -5.32 5.14
CA GLY A 294 13.38 -5.98 4.57
C GLY A 294 12.30 -6.40 5.55
N VAL A 295 12.67 -6.78 6.78
CA VAL A 295 11.66 -7.13 7.81
C VAL A 295 11.38 -5.99 8.79
N PHE A 296 12.40 -5.19 9.11
CA PHE A 296 12.25 -4.17 10.13
C PHE A 296 11.71 -2.83 9.65
N TYR A 297 11.61 -2.62 8.34
CA TYR A 297 11.22 -1.29 7.87
C TYR A 297 9.85 -0.85 8.42
N HIS A 298 9.77 0.43 8.80
CA HIS A 298 8.58 1.02 9.40
C HIS A 298 7.95 0.09 10.48
N GLN A 299 8.77 -0.27 11.46
CA GLN A 299 8.32 -1.10 12.57
C GLN A 299 7.67 -2.44 12.14
N GLY A 300 8.15 -3.02 11.03
CA GLY A 300 7.59 -4.26 10.48
C GLY A 300 6.24 -4.12 9.79
N GLN A 301 5.80 -2.90 9.54
CA GLN A 301 4.44 -2.65 9.10
C GLN A 301 4.40 -2.48 7.58
N CYS A 302 5.09 -3.36 6.88
CA CYS A 302 5.07 -3.39 5.42
C CYS A 302 4.47 -4.69 4.95
N CYS A 303 3.54 -4.60 4.01
CA CYS A 303 2.98 -5.77 3.36
C CYS A 303 4.06 -6.74 2.86
N ILE A 304 5.19 -6.21 2.40
CA ILE A 304 6.26 -7.05 1.80
C ILE A 304 7.32 -7.52 2.79
N ALA A 305 7.09 -7.34 4.09
CA ALA A 305 8.10 -7.64 5.10
C ALA A 305 8.69 -9.02 4.87
N ALA A 306 10.02 -9.11 4.90
CA ALA A 306 10.76 -10.35 4.63
C ALA A 306 10.74 -11.24 5.87
N SER A 307 9.59 -11.82 6.14
CA SER A 307 9.32 -12.37 7.47
C SER A 307 9.68 -13.85 7.62
N ARG A 308 10.24 -14.42 6.56
CA ARG A 308 10.88 -15.75 6.63
C ARG A 308 12.19 -15.71 5.85
N ILE A 309 13.31 -15.83 6.54
CA ILE A 309 14.61 -15.77 5.90
C ILE A 309 15.27 -17.13 6.03
N PHE A 310 15.39 -17.83 4.91
CA PHE A 310 16.00 -19.16 4.85
C PHE A 310 17.45 -19.02 4.44
N VAL A 311 18.38 -19.54 5.22
CA VAL A 311 19.81 -19.37 4.97
C VAL A 311 20.50 -20.73 4.86
N GLU A 312 21.35 -20.91 3.85
CA GLU A 312 22.04 -22.20 3.64
C GLU A 312 22.83 -22.52 4.90
N GLU A 313 22.83 -23.78 5.33
CA GLU A 313 23.43 -24.15 6.62
C GLU A 313 24.84 -23.63 6.85
N SER A 314 25.70 -23.71 5.85
CA SER A 314 27.11 -23.39 6.04
C SER A 314 27.35 -21.92 6.42
N ILE A 315 26.42 -21.03 6.07
CA ILE A 315 26.56 -19.62 6.43
C ILE A 315 25.49 -19.15 7.41
N TYR A 316 24.65 -20.07 7.87
CA TYR A 316 23.51 -19.75 8.74
C TYR A 316 23.88 -19.09 10.07
N ASP A 317 24.85 -19.66 10.78
CA ASP A 317 25.24 -19.11 12.08
C ASP A 317 25.82 -17.72 11.94
N GLU A 318 26.67 -17.52 10.94
CA GLU A 318 27.21 -16.21 10.68
C GLU A 318 26.12 -15.20 10.29
N PHE A 319 25.18 -15.64 9.45
CA PHE A 319 24.04 -14.80 9.07
C PHE A 319 23.25 -14.33 10.29
N VAL A 320 22.95 -15.28 11.18
CA VAL A 320 22.18 -14.98 12.38
C VAL A 320 22.96 -14.01 13.29
N ARG A 321 24.24 -14.28 13.53
CA ARG A 321 25.06 -13.40 14.37
C ARG A 321 25.01 -11.96 13.86
N ARG A 322 25.31 -11.77 12.58
CA ARG A 322 25.36 -10.43 12.01
C ARG A 322 23.99 -9.76 12.01
N SER A 323 22.93 -10.56 11.84
CA SER A 323 21.57 -10.03 11.85
C SER A 323 21.25 -9.49 13.25
N VAL A 324 21.59 -10.27 14.27
CA VAL A 324 21.40 -9.85 15.67
C VAL A 324 22.15 -8.57 15.98
N GLU A 325 23.44 -8.50 15.63
CA GLU A 325 24.22 -7.25 15.81
C GLU A 325 23.52 -6.03 15.23
N ARG A 326 22.96 -6.20 14.03
CA ARG A 326 22.28 -5.08 13.37
C ARG A 326 21.00 -4.71 14.11
N ALA A 327 20.24 -5.69 14.58
CA ALA A 327 18.97 -5.42 15.26
C ALA A 327 19.15 -4.74 16.61
N LYS A 328 20.28 -5.00 17.25
CA LYS A 328 20.56 -4.44 18.57
C LYS A 328 20.99 -2.98 18.54
N LYS A 329 21.05 -2.38 17.34
CA LYS A 329 21.57 -1.02 17.20
C LYS A 329 20.51 0.09 17.11
N TYR A 330 19.24 -0.23 17.30
CA TYR A 330 18.17 0.75 17.19
C TYR A 330 17.97 1.63 18.41
N ILE A 331 17.49 2.84 18.16
CA ILE A 331 17.13 3.79 19.17
C ILE A 331 15.63 4.03 19.05
N LEU A 332 14.89 3.66 20.08
CA LEU A 332 13.46 3.81 20.07
C LEU A 332 13.10 5.19 20.58
N GLY A 333 11.98 5.71 20.12
CA GLY A 333 11.44 6.95 20.65
C GLY A 333 10.50 7.68 19.69
N ASN A 334 10.39 8.98 19.89
CA ASN A 334 9.45 9.78 19.12
C ASN A 334 9.94 9.90 17.68
N PRO A 335 9.10 9.51 16.70
CA PRO A 335 9.53 9.56 15.29
C PRO A 335 9.93 10.96 14.77
N LEU A 336 9.54 12.01 15.48
CA LEU A 336 9.97 13.37 15.14
C LEU A 336 11.42 13.72 15.54
N THR A 337 12.01 12.99 16.48
CA THR A 337 13.30 13.39 17.05
C THR A 337 14.49 12.86 16.26
N PRO A 338 15.39 13.76 15.79
CA PRO A 338 16.48 13.26 14.94
C PRO A 338 17.31 12.18 15.64
N GLY A 339 17.86 11.26 14.86
CA GLY A 339 18.63 10.14 15.41
C GLY A 339 17.83 8.96 15.96
N VAL A 340 16.54 9.19 16.28
CA VAL A 340 15.62 8.10 16.62
C VAL A 340 15.45 7.20 15.39
N THR A 341 15.60 5.89 15.57
CA THR A 341 15.56 4.93 14.46
C THR A 341 14.44 3.87 14.52
N GLN A 342 13.58 3.94 15.53
CA GLN A 342 12.37 3.09 15.56
C GLN A 342 11.22 3.77 16.29
N GLY A 343 10.13 3.99 15.56
CA GLY A 343 8.90 4.55 16.12
C GLY A 343 7.99 3.49 16.70
N PRO A 344 6.76 3.88 17.09
CA PRO A 344 5.78 2.95 17.65
C PRO A 344 5.02 2.16 16.59
N GLN A 345 4.31 1.13 17.03
CA GLN A 345 3.27 0.50 16.22
C GLN A 345 2.08 1.43 16.15
N ILE A 346 1.18 1.19 15.20
CA ILE A 346 0.08 2.14 14.93
C ILE A 346 -0.98 2.23 16.03
N ASP A 347 -1.36 1.11 16.63
CA ASP A 347 -2.42 1.11 17.61
C ASP A 347 -2.42 -0.12 18.52
N LYS A 348 -3.40 -0.20 19.40
CA LYS A 348 -3.46 -1.24 20.42
C LYS A 348 -3.66 -2.62 19.82
N GLU A 349 -4.56 -2.74 18.85
CA GLU A 349 -4.81 -4.01 18.19
C GLU A 349 -3.54 -4.60 17.60
N GLN A 350 -2.79 -3.78 16.86
CA GLN A 350 -1.55 -4.25 16.24
C GLN A 350 -0.56 -4.63 17.32
N TYR A 351 -0.40 -3.73 18.29
CA TYR A 351 0.43 -3.95 19.46
C TYR A 351 0.12 -5.29 20.10
N ASP A 352 -1.16 -5.52 20.41
CA ASP A 352 -1.56 -6.76 21.06
C ASP A 352 -1.20 -7.96 20.19
N LYS A 353 -1.45 -7.86 18.88
CA LYS A 353 -1.17 -8.95 17.95
C LYS A 353 0.32 -9.31 17.89
N ILE A 354 1.17 -8.31 17.87
CA ILE A 354 2.62 -8.54 17.82
C ILE A 354 3.13 -9.23 19.09
N LEU A 355 2.65 -8.77 20.24
CA LEU A 355 3.06 -9.37 21.51
C LEU A 355 2.60 -10.82 21.65
N ASP A 356 1.34 -11.08 21.33
CA ASP A 356 0.80 -12.43 21.34
C ASP A 356 1.62 -13.36 20.44
N LEU A 357 1.97 -12.90 19.24
CA LEU A 357 2.75 -13.73 18.32
C LEU A 357 4.18 -13.97 18.79
N ILE A 358 4.81 -12.93 19.34
CA ILE A 358 6.12 -13.05 19.97
C ILE A 358 6.09 -14.11 21.07
N GLU A 359 5.03 -14.10 21.88
CA GLU A 359 4.90 -15.11 22.96
C GLU A 359 4.73 -16.51 22.41
N SER A 360 4.05 -16.64 21.27
CA SER A 360 3.88 -17.95 20.66
C SER A 360 5.21 -18.51 20.17
N GLY A 361 6.11 -17.64 19.72
CA GLY A 361 7.45 -18.03 19.27
C GLY A 361 8.28 -18.61 20.41
N LYS A 362 8.25 -17.95 21.55
CA LYS A 362 8.91 -18.47 22.76
C LYS A 362 8.33 -19.83 23.14
N LYS A 363 7.00 -19.87 23.32
CA LYS A 363 6.25 -21.11 23.63
C LYS A 363 6.57 -22.28 22.70
N GLU A 364 6.49 -22.03 21.39
CA GLU A 364 6.64 -23.12 20.42
C GLU A 364 8.09 -23.52 20.18
N GLY A 365 9.03 -22.85 20.85
CA GLY A 365 10.40 -23.32 20.91
C GLY A 365 11.39 -22.65 19.98
N ALA A 366 11.06 -21.45 19.49
CA ALA A 366 11.99 -20.69 18.67
C ALA A 366 13.05 -20.09 19.57
N LYS A 367 14.27 -19.98 19.08
CA LYS A 367 15.37 -19.38 19.85
C LYS A 367 15.32 -17.84 19.81
N LEU A 368 15.10 -17.21 20.96
CA LEU A 368 15.07 -15.76 21.06
C LEU A 368 16.50 -15.21 21.10
N GLU A 369 16.86 -14.43 20.10
CA GLU A 369 18.20 -13.86 20.03
C GLU A 369 18.25 -12.47 20.65
N CYS A 370 17.18 -11.68 20.49
CA CYS A 370 17.07 -10.38 21.16
C CYS A 370 15.63 -9.88 21.18
N GLY A 371 15.39 -8.81 21.94
CA GLY A 371 14.05 -8.23 22.07
C GLY A 371 13.09 -9.16 22.79
N GLY A 372 11.83 -9.21 22.34
CA GLY A 372 10.86 -10.14 22.91
C GLY A 372 9.81 -9.52 23.83
N GLY A 373 9.90 -8.22 24.08
CA GLY A 373 8.96 -7.54 24.96
C GLY A 373 8.63 -6.11 24.54
N PRO A 374 7.72 -5.47 25.29
CA PRO A 374 7.33 -4.09 24.99
C PRO A 374 8.43 -3.10 25.39
N TRP A 375 8.18 -1.80 25.16
CA TRP A 375 9.12 -0.74 25.54
C TRP A 375 8.43 0.56 25.93
N GLY A 376 8.84 1.14 27.05
CA GLY A 376 8.43 2.50 27.44
C GLY A 376 7.16 2.55 28.28
N ASN A 377 6.77 3.75 28.68
CA ASN A 377 5.55 3.98 29.48
C ASN A 377 4.38 4.49 28.68
N LYS A 378 4.67 4.99 27.48
CA LYS A 378 3.62 5.40 26.57
C LYS A 378 4.07 5.11 25.14
N GLY A 379 3.10 5.00 24.26
CA GLY A 379 3.35 4.67 22.87
C GLY A 379 3.31 3.16 22.73
N TYR A 380 2.88 2.69 21.56
CA TYR A 380 2.77 1.27 21.29
C TYR A 380 4.10 0.72 20.77
N PHE A 381 5.14 0.77 21.63
CA PHE A 381 6.49 0.34 21.23
C PHE A 381 6.76 -1.13 21.54
N VAL A 382 7.49 -1.77 20.63
CA VAL A 382 7.88 -3.17 20.77
C VAL A 382 9.36 -3.31 20.46
N GLN A 383 10.10 -4.02 21.30
CA GLN A 383 11.53 -4.16 21.06
C GLN A 383 11.74 -4.87 19.75
N PRO A 384 12.76 -4.44 18.97
CA PRO A 384 13.05 -5.23 17.79
C PRO A 384 13.48 -6.63 18.21
N THR A 385 12.88 -7.64 17.59
CA THR A 385 12.96 -9.01 18.05
C THR A 385 13.43 -9.94 16.95
N VAL A 386 14.42 -10.77 17.26
CA VAL A 386 14.93 -11.78 16.35
C VAL A 386 14.75 -13.20 16.91
N PHE A 387 14.20 -14.07 16.08
CA PHE A 387 14.13 -15.51 16.35
C PHE A 387 14.95 -16.30 15.34
N SER A 388 15.80 -17.20 15.83
CA SER A 388 16.50 -18.19 15.00
C SER A 388 15.93 -19.60 15.25
N ASN A 389 16.39 -20.57 14.47
CA ASN A 389 15.85 -21.93 14.48
C ASN A 389 14.32 -22.00 14.46
N VAL A 390 13.70 -21.14 13.65
CA VAL A 390 12.26 -21.16 13.46
C VAL A 390 11.91 -22.31 12.52
N THR A 391 10.80 -23.00 12.80
CA THR A 391 10.36 -24.14 11.95
C THR A 391 9.01 -23.78 11.33
N ASP A 392 8.67 -24.46 10.25
CA ASP A 392 7.58 -24.00 9.35
C ASP A 392 6.18 -24.03 9.97
N GLU A 393 5.98 -24.86 10.98
CA GLU A 393 4.67 -25.00 11.60
C GLU A 393 4.42 -24.02 12.75
N MET A 394 5.43 -23.24 13.12
CA MET A 394 5.26 -22.23 14.15
C MET A 394 4.39 -21.08 13.66
N ARG A 395 3.67 -20.46 14.60
CA ARG A 395 2.79 -19.32 14.29
C ARG A 395 3.57 -18.17 13.67
N ILE A 396 4.78 -17.90 14.15
CA ILE A 396 5.60 -16.79 13.63
C ILE A 396 6.17 -17.04 12.24
N ALA A 397 6.15 -18.30 11.80
CA ALA A 397 6.51 -18.68 10.43
C ALA A 397 5.31 -18.71 9.48
N LYS A 398 4.08 -18.73 10.02
CA LYS A 398 2.89 -18.80 9.18
C LYS A 398 2.08 -17.47 9.11
N GLU A 399 1.98 -16.74 10.21
CA GLU A 399 1.11 -15.57 10.28
C GLU A 399 1.89 -14.27 10.06
N GLU A 400 1.28 -13.37 9.29
CA GLU A 400 1.82 -12.04 9.15
C GLU A 400 1.77 -11.35 10.50
N ILE A 401 2.94 -10.99 11.01
CA ILE A 401 3.07 -10.35 12.32
C ILE A 401 2.79 -8.85 12.24
N PHE A 402 3.36 -8.20 11.22
CA PHE A 402 3.25 -6.75 11.04
C PHE A 402 3.89 -5.98 12.21
N GLY A 403 4.99 -6.54 12.72
CA GLY A 403 5.76 -5.93 13.80
C GLY A 403 7.26 -6.17 13.59
N PRO A 404 8.09 -5.59 14.48
CA PRO A 404 9.54 -5.71 14.31
C PRO A 404 10.01 -7.06 14.81
N VAL A 405 9.68 -8.11 14.06
CA VAL A 405 9.93 -9.48 14.49
C VAL A 405 10.46 -10.25 13.29
N GLN A 406 11.74 -10.64 13.37
CA GLN A 406 12.45 -11.33 12.32
C GLN A 406 12.58 -12.82 12.61
N GLN A 407 12.27 -13.64 11.61
CA GLN A 407 12.43 -15.11 11.67
C GLN A 407 13.56 -15.57 10.76
N ILE A 408 14.51 -16.33 11.30
CA ILE A 408 15.63 -16.87 10.52
C ILE A 408 15.66 -18.40 10.65
N MET A 409 15.78 -19.07 9.51
CA MET A 409 15.70 -20.53 9.42
C MET A 409 16.81 -21.02 8.55
N LYS A 410 17.15 -22.29 8.68
CA LYS A 410 18.19 -22.84 7.84
C LYS A 410 17.61 -23.85 6.86
N PHE A 411 18.36 -24.10 5.80
CA PHE A 411 18.07 -25.16 4.87
C PHE A 411 19.40 -25.69 4.37
N LYS A 412 19.40 -26.88 3.80
CA LYS A 412 20.52 -27.33 2.98
C LYS A 412 20.09 -27.88 1.62
N SER A 413 18.82 -28.20 1.43
CA SER A 413 18.32 -28.63 0.12
C SER A 413 17.58 -27.51 -0.59
N LEU A 414 18.08 -27.12 -1.77
CA LEU A 414 17.49 -26.03 -2.51
C LEU A 414 16.09 -26.37 -3.04
N ASP A 415 15.92 -27.56 -3.60
CA ASP A 415 14.56 -28.04 -3.96
C ASP A 415 13.60 -27.92 -2.80
N ASP A 416 14.06 -28.32 -1.61
CA ASP A 416 13.21 -28.31 -0.43
C ASP A 416 12.86 -26.87 0.02
N VAL A 417 13.86 -26.00 0.05
CA VAL A 417 13.61 -24.62 0.49
C VAL A 417 12.66 -23.85 -0.44
N ILE A 418 12.70 -24.10 -1.75
CA ILE A 418 11.75 -23.46 -2.68
C ILE A 418 10.34 -23.91 -2.36
N LYS A 419 10.17 -25.22 -2.13
CA LYS A 419 8.87 -25.76 -1.71
C LYS A 419 8.40 -25.14 -0.37
N ARG A 420 9.32 -24.95 0.57
CA ARG A 420 8.98 -24.31 1.86
C ARG A 420 8.61 -22.83 1.63
N ALA A 421 9.39 -22.15 0.80
CA ALA A 421 9.15 -20.75 0.48
C ALA A 421 7.75 -20.59 -0.10
N ASN A 422 7.38 -21.54 -0.96
CA ASN A 422 6.08 -21.52 -1.64
C ASN A 422 4.92 -22.08 -0.85
N ASN A 423 5.20 -22.69 0.30
CA ASN A 423 4.17 -23.40 1.06
C ASN A 423 3.46 -22.46 2.01
N THR A 424 2.64 -21.60 1.41
CA THR A 424 1.91 -20.55 2.11
C THR A 424 0.76 -20.14 1.20
N PHE A 425 -0.33 -19.65 1.77
CA PHE A 425 -1.42 -19.10 0.96
C PHE A 425 -1.08 -17.68 0.50
N TYR A 426 -0.05 -17.07 1.09
CA TYR A 426 0.46 -15.78 0.64
C TYR A 426 1.34 -15.90 -0.61
N GLY A 427 1.69 -14.74 -1.17
CA GLY A 427 2.56 -14.71 -2.34
C GLY A 427 2.82 -13.29 -2.86
N LEU A 428 3.14 -12.36 -1.97
CA LEU A 428 3.29 -10.95 -2.40
C LEU A 428 4.68 -10.71 -2.99
N SER A 429 5.72 -11.24 -2.37
CA SER A 429 7.07 -10.93 -2.80
C SER A 429 8.04 -11.96 -2.27
N ALA A 430 9.29 -11.90 -2.73
CA ALA A 430 10.34 -12.78 -2.19
C ALA A 430 11.68 -12.20 -2.56
N GLY A 431 12.73 -12.69 -1.92
CA GLY A 431 14.09 -12.24 -2.21
C GLY A 431 14.99 -13.45 -2.40
N VAL A 432 15.93 -13.32 -3.32
CA VAL A 432 16.92 -14.37 -3.64
C VAL A 432 18.31 -13.73 -3.61
N PHE A 433 19.24 -14.30 -2.83
CA PHE A 433 20.59 -13.77 -2.71
C PHE A 433 21.61 -14.82 -3.14
N THR A 434 22.27 -14.56 -4.25
CA THR A 434 23.24 -15.44 -4.85
C THR A 434 24.07 -14.63 -5.87
N LYS A 435 25.25 -15.13 -6.21
CA LYS A 435 26.06 -14.54 -7.27
C LYS A 435 25.90 -15.23 -8.61
N ASP A 436 25.21 -16.39 -8.60
CA ASP A 436 25.10 -17.26 -9.77
C ASP A 436 23.90 -16.93 -10.66
N ILE A 437 24.17 -16.70 -11.94
CA ILE A 437 23.17 -16.27 -12.90
C ILE A 437 22.07 -17.28 -12.99
N ASP A 438 22.45 -18.54 -13.13
CA ASP A 438 21.43 -19.57 -13.36
C ASP A 438 20.49 -19.72 -12.16
N LYS A 439 21.05 -19.70 -10.96
CA LYS A 439 20.26 -19.82 -9.74
C LYS A 439 19.33 -18.61 -9.65
N ALA A 440 19.84 -17.43 -9.95
CA ALA A 440 19.02 -16.22 -9.80
C ALA A 440 17.81 -16.30 -10.70
N ILE A 441 18.02 -16.69 -11.95
CA ILE A 441 16.92 -16.81 -12.90
C ILE A 441 15.97 -17.98 -12.54
N THR A 442 16.51 -19.19 -12.31
CA THR A 442 15.63 -20.34 -12.05
C THR A 442 14.87 -20.26 -10.72
N ILE A 443 15.53 -19.75 -9.67
CA ILE A 443 14.85 -19.61 -8.38
C ILE A 443 13.73 -18.56 -8.49
N SER A 444 14.05 -17.40 -9.06
CA SER A 444 13.04 -16.34 -9.17
C SER A 444 11.84 -16.82 -10.01
N SER A 445 12.09 -17.58 -11.06
CA SER A 445 11.01 -18.15 -11.84
C SER A 445 10.15 -19.14 -11.03
N ALA A 446 10.76 -19.88 -10.12
CA ALA A 446 10.04 -20.90 -9.37
C ALA A 446 9.24 -20.36 -8.20
N LEU A 447 9.60 -19.19 -7.69
CA LEU A 447 8.90 -18.64 -6.50
C LEU A 447 7.54 -18.06 -6.90
N GLN A 448 6.51 -18.47 -6.17
CA GLN A 448 5.14 -18.04 -6.43
C GLN A 448 4.90 -16.71 -5.72
N ALA A 449 5.52 -15.67 -6.25
CA ALA A 449 5.41 -14.34 -5.65
C ALA A 449 5.43 -13.24 -6.70
N GLY A 450 4.75 -12.15 -6.37
CA GLY A 450 4.46 -11.06 -7.31
C GLY A 450 5.68 -10.27 -7.70
N THR A 451 6.47 -9.89 -6.71
CA THR A 451 7.78 -9.32 -6.96
C THR A 451 8.86 -10.18 -6.32
N VAL A 452 9.87 -10.55 -7.11
CA VAL A 452 11.07 -11.19 -6.62
C VAL A 452 12.29 -10.27 -6.76
N TRP A 453 12.90 -9.92 -5.64
CA TRP A 453 14.14 -9.16 -5.66
C TRP A 453 15.35 -10.09 -5.66
N VAL A 454 16.38 -9.70 -6.41
CA VAL A 454 17.60 -10.50 -6.48
C VAL A 454 18.73 -9.63 -5.96
N ASN A 455 19.36 -10.09 -4.88
CA ASN A 455 20.46 -9.39 -4.24
C ASN A 455 20.10 -7.99 -3.71
N CYS A 456 18.79 -7.81 -3.46
CA CYS A 456 18.22 -6.63 -2.84
C CYS A 456 16.86 -7.03 -2.28
N TYR A 457 16.12 -6.06 -1.74
CA TYR A 457 14.83 -6.28 -1.13
C TYR A 457 14.13 -4.94 -0.95
N GLY A 458 12.82 -4.92 -1.14
CA GLY A 458 12.02 -3.76 -0.80
C GLY A 458 12.12 -2.63 -1.83
N VAL A 459 12.57 -2.96 -3.03
CA VAL A 459 12.74 -1.97 -4.10
C VAL A 459 11.46 -1.88 -4.90
N VAL A 460 10.71 -0.82 -4.65
CA VAL A 460 9.39 -0.67 -5.24
C VAL A 460 9.43 0.65 -6.00
N SER A 461 8.90 0.68 -7.22
CA SER A 461 8.93 1.92 -7.97
C SER A 461 7.67 2.05 -8.79
N ALA A 462 7.31 3.29 -9.07
CA ALA A 462 6.14 3.58 -9.90
C ALA A 462 6.17 2.92 -11.27
N GLN A 463 7.37 2.61 -11.78
CA GLN A 463 7.48 2.07 -13.12
C GLN A 463 7.18 0.58 -13.24
N CYS A 464 7.16 -0.14 -12.11
CA CYS A 464 6.95 -1.59 -12.08
C CYS A 464 5.60 -1.97 -11.52
N PRO A 465 4.93 -2.95 -12.14
CA PRO A 465 3.68 -3.39 -11.53
C PRO A 465 3.94 -4.10 -10.19
N PHE A 466 2.99 -3.98 -9.28
CA PHE A 466 3.11 -4.51 -7.93
C PHE A 466 1.79 -5.15 -7.50
N GLY A 467 1.87 -6.38 -6.97
CA GLY A 467 0.68 -7.11 -6.54
C GLY A 467 1.02 -8.55 -6.19
N GLY A 468 0.04 -9.24 -5.62
CA GLY A 468 0.25 -10.60 -5.12
C GLY A 468 -0.13 -11.76 -6.03
N PHE A 469 0.54 -12.87 -5.79
CA PHE A 469 0.09 -14.18 -6.21
C PHE A 469 -0.82 -14.65 -5.08
N LYS A 470 -1.72 -15.57 -5.40
CA LYS A 470 -2.53 -16.28 -4.40
C LYS A 470 -3.32 -15.34 -3.50
N MET A 471 -3.32 -15.59 -2.19
CA MET A 471 -4.14 -14.81 -1.28
C MET A 471 -3.46 -13.49 -0.87
N SER A 472 -2.31 -13.14 -1.46
CA SER A 472 -1.76 -11.81 -1.20
C SER A 472 -2.44 -10.74 -2.06
N GLY A 473 -3.39 -11.13 -2.90
CA GLY A 473 -4.19 -10.19 -3.66
C GLY A 473 -4.46 -10.55 -5.10
N ASN A 474 -5.12 -9.65 -5.78
CA ASN A 474 -5.41 -9.83 -7.18
C ASN A 474 -5.30 -8.52 -7.93
N GLY A 475 -4.84 -8.62 -9.16
CA GLY A 475 -4.57 -7.45 -9.96
C GLY A 475 -3.20 -6.88 -9.65
N ARG A 476 -2.81 -5.87 -10.42
CA ARG A 476 -1.53 -5.22 -10.23
C ARG A 476 -1.74 -3.73 -10.21
N GLU A 477 -0.92 -3.05 -9.42
CA GLU A 477 -0.94 -1.61 -9.33
C GLU A 477 0.35 -1.04 -9.90
N LEU A 478 0.17 0.12 -10.55
CA LEU A 478 1.27 0.89 -11.13
C LEU A 478 1.93 0.15 -12.32
N GLY A 479 3.01 0.72 -12.83
CA GLY A 479 3.59 0.31 -14.08
C GLY A 479 2.58 0.54 -15.20
N GLU A 480 2.94 0.13 -16.40
CA GLU A 480 2.02 0.09 -17.50
C GLU A 480 0.86 -0.88 -17.22
N TYR A 481 1.19 -2.02 -16.62
CA TYR A 481 0.24 -3.11 -16.44
C TYR A 481 -0.88 -2.71 -15.45
N GLY A 482 -0.53 -1.99 -14.40
CA GLY A 482 -1.49 -1.53 -13.43
C GLY A 482 -2.56 -0.62 -13.99
N PHE A 483 -2.20 0.19 -14.97
CA PHE A 483 -3.16 1.08 -15.58
C PHE A 483 -4.31 0.32 -16.24
N HIS A 484 -4.04 -0.89 -16.77
CA HIS A 484 -5.12 -1.67 -17.38
C HIS A 484 -6.32 -1.89 -16.45
N GLU A 485 -6.07 -2.11 -15.17
CA GLU A 485 -7.11 -2.36 -14.16
C GLU A 485 -8.02 -1.13 -13.88
N TYR A 486 -7.61 0.06 -14.32
CA TYR A 486 -8.46 1.25 -14.18
C TYR A 486 -9.12 1.70 -15.49
N THR A 487 -9.10 0.85 -16.50
CA THR A 487 -9.86 1.06 -17.70
C THR A 487 -10.92 -0.04 -17.94
N GLU A 488 -11.93 0.34 -18.70
CA GLU A 488 -12.97 -0.58 -19.15
C GLU A 488 -12.93 -0.57 -20.70
N VAL A 489 -12.75 -1.74 -21.30
CA VAL A 489 -12.53 -1.81 -22.73
C VAL A 489 -13.84 -1.96 -23.49
N LYS A 490 -14.04 -1.05 -24.42
CA LYS A 490 -15.17 -1.12 -25.35
C LYS A 490 -14.69 -1.41 -26.75
N THR A 491 -15.30 -2.42 -27.39
CA THR A 491 -15.06 -2.71 -28.78
C THR A 491 -16.14 -2.07 -29.63
N VAL A 492 -15.73 -1.33 -30.65
CA VAL A 492 -16.66 -0.73 -31.61
C VAL A 492 -16.40 -1.32 -32.98
N THR A 493 -17.43 -1.92 -33.57
CA THR A 493 -17.28 -2.64 -34.83
C THR A 493 -18.29 -2.05 -35.81
N VAL A 494 -17.76 -1.48 -36.89
CA VAL A 494 -18.51 -0.69 -37.89
C VAL A 494 -18.56 -1.43 -39.22
N LYS A 495 -19.77 -1.65 -39.73
CA LYS A 495 -19.95 -2.25 -41.05
C LYS A 495 -19.41 -1.30 -42.11
N ILE A 496 -18.57 -1.81 -42.99
CA ILE A 496 -18.13 -1.03 -44.15
C ILE A 496 -18.37 -1.83 -45.43
N SER A 497 -18.44 -1.11 -46.55
CA SER A 497 -18.67 -1.74 -47.86
C SER A 497 -17.54 -2.70 -48.26
N GLN A 498 -16.29 -2.29 -48.04
CA GLN A 498 -15.14 -3.12 -48.33
C GLN A 498 -13.96 -2.66 -47.51
N LYS A 499 -13.29 -3.59 -46.83
CA LYS A 499 -12.06 -3.28 -46.12
C LYS A 499 -10.82 -3.51 -46.98
N ASN A 500 -9.73 -2.84 -46.61
CA ASN A 500 -8.44 -3.04 -47.21
C ASN A 500 -7.40 -3.01 -46.09
N SER A 501 -6.40 -3.86 -46.19
CA SER A 501 -5.38 -3.95 -45.16
C SER A 501 -4.67 -2.61 -44.97
YB YB B . 0.36 1.25 28.34
YB YB C . -9.63 -4.98 10.99
C4 3XG D . 4.41 1.34 -2.26
C5 3XG D . 3.33 0.82 -2.98
C6 3XG D . 2.91 -0.51 -2.79
C8 3XG D . 6.59 -0.33 0.34
C13 3XG D . 7.82 -0.25 1.14
C15 3XG D . 9.71 1.11 1.98
C17 3XG D . 12.22 1.17 1.88
C1 3XG D . 3.53 -1.38 -1.87
C2 3XG D . 4.59 -0.87 -1.15
C3 3XG D . 5.04 0.53 -1.34
C16 3XG D . 10.94 0.76 1.15
C11 3XG D . 7.96 2.12 0.45
C9 3XG D . 6.13 0.88 -0.40
O29 3XG D . 8.64 3.40 -2.51
C25 3XG D . 7.93 4.30 -2.08
O26 3XG D . 7.01 4.97 -2.99
C27 3XG D . 6.75 4.51 -4.33
C28 3XG D . 7.89 4.87 -5.26
C24 3XG D . 7.98 4.76 -0.63
S23 3XG D . 8.75 3.63 0.49
N10 3XG D . 6.83 2.03 -0.31
N12 3XG D . 8.49 1.00 1.18
O14 3XG D . 8.24 -1.23 1.78
S7 3XG D . 5.55 -1.71 0.05
N18 3XG D . 13.34 0.50 1.23
C22 3XG D . 14.51 0.15 2.04
C21 3XG D . 15.50 -0.34 0.99
C20 3XG D . 14.97 0.06 -0.38
C19 3XG D . 13.64 0.79 -0.17
CL CL E . -7.80 -3.48 -26.83
CL CL F . -9.93 -3.92 13.53
CL CL G . -11.73 -4.97 12.82
CL CL H . -9.98 -6.13 13.48
PA NAI I . -7.85 -3.67 7.93
O1A NAI I . -7.75 -4.46 6.66
O2A NAI I . -9.10 -3.99 8.68
O5B NAI I . -7.94 -2.08 7.64
C5B NAI I . -7.46 -1.47 6.44
C4B NAI I . -8.58 -0.62 5.84
O4B NAI I . -9.75 -1.44 5.70
C3B NAI I . -8.99 0.57 6.70
O3B NAI I . -9.27 1.71 5.85
C2B NAI I . -10.23 0.08 7.41
O2B NAI I . -11.14 1.08 7.86
C1B NAI I . -10.85 -0.77 6.30
N9A NAI I . -11.89 -1.71 6.75
C8A NAI I . -11.95 -2.37 7.95
N7A NAI I . -13.06 -3.14 8.01
C5A NAI I . -13.70 -3.01 6.83
C6A NAI I . -14.93 -3.57 6.22
N6A NAI I . -15.69 -4.43 6.92
N1A NAI I . -15.26 -3.18 4.96
C2A NAI I . -14.51 -2.31 4.27
N3A NAI I . -13.38 -1.76 4.76
C4A NAI I . -12.93 -2.06 6.01
O3 NAI I . -6.48 -3.79 8.74
PN NAI I . -6.31 -3.71 10.35
O1N NAI I . -7.49 -4.39 11.02
O2N NAI I . -5.93 -2.28 10.68
O5D NAI I . -4.99 -4.62 10.52
C5D NAI I . -5.10 -6.04 10.66
C4D NAI I . -4.01 -6.77 9.89
O4D NAI I . -4.16 -6.62 8.47
C3D NAI I . -2.60 -6.31 10.21
O3D NAI I . -2.10 -6.90 11.41
C2D NAI I . -1.84 -6.73 8.96
O2D NAI I . -1.40 -8.09 9.07
C1D NAI I . -2.87 -6.59 7.83
N1N NAI I . -2.65 -5.32 7.12
C2N NAI I . -2.04 -5.33 5.92
C3N NAI I . -1.79 -4.14 5.24
C7N NAI I . -1.12 -4.14 3.89
O7N NAI I . -0.23 -3.33 3.65
N7N NAI I . -1.50 -5.05 3.00
C4N NAI I . -2.17 -2.93 5.81
C5N NAI I . -2.80 -2.93 7.05
C6N NAI I . -3.03 -4.15 7.68
NA NA J . -5.74 -6.70 -17.32
#